data_4MMB
#
_entry.id   4MMB
#
_cell.length_a   86.189
_cell.length_b   87.303
_cell.length_c   81.014
_cell.angle_alpha   90.00
_cell.angle_beta   94.51
_cell.angle_gamma   90.00
#
_symmetry.space_group_name_H-M   'C 1 2 1'
#
loop_
_entity.id
_entity.type
_entity.pdbx_description
1 polymer Transporter
2 non-polymer 'SODIUM ION'
3 non-polymer (1S,4S)-4-(3,4-dichlorophenyl)-N-methyl-1,2,3,4-tetrahydronaphthalen-1-amine
4 non-polymer 'octyl beta-D-glucopyranoside'
5 water water
#
_entity_poly.entity_id   1
_entity_poly.type   'polypeptide(L)'
_entity_poly.pdbx_seq_one_letter_code
;MEVKREHWATRLGLILAMAGYAVDLGNFLRFPVQAAENGGGAFMIPYIIAFLLVGIPLMWIEWAMGRYGGAQGHGTTPAI
FYLLWRNRFAKILGVFGLWIPLVVAIYYVYIESWTLGFAIKFLVGLVPEPPPNATDPDSILRPFKEFLYSYIGVPKGDEP
ILKPSLFAYIVFLITMFINVSILIRGISKGIERFAKIAMPTLFILAVFLVIRVFLLETPNGTAADGLNFLWTPDFEKLKD
PGVWIAAVGQIFFSLGLGFGAIITFASYVRKDQDIVLSGLTAATLNEKAEVILGGSISIPAAVAFFGVANAVAIAKAGAF
NLGFITLPAIFSQTAGGTFLGFLWFFLLFFAGLTSSIAGMQPMIAFLEDELKLSRKHAVLWTAAIVFFSAHLVMFLNKSL
DEMDFWAGTIGVVFFGLTELIIFFWIFGADKAWEEINRGGIIKVPRIYYYVMRYITPAFLAVLLVVWAREYIPKIMEETH
WTVWITRFYIIGLFLFLTFLVFLAERRRNHESAGTLVPR
;
_entity_poly.pdbx_strand_id   A
#
# COMPACT_ATOMS: atom_id res chain seq x y z
N ARG A 5 24.68 12.22 -3.94
CA ARG A 5 23.40 11.54 -3.79
C ARG A 5 22.25 12.42 -4.31
N GLU A 6 21.26 11.78 -4.92
CA GLU A 6 20.07 12.48 -5.36
C GLU A 6 19.33 13.05 -4.16
N HIS A 7 18.58 14.12 -4.40
CA HIS A 7 17.78 14.75 -3.34
C HIS A 7 16.47 15.25 -3.92
N TRP A 8 15.47 15.41 -3.05
CA TRP A 8 14.23 16.05 -3.46
C TRP A 8 14.50 17.54 -3.70
N ALA A 9 14.01 18.05 -4.83
CA ALA A 9 14.24 19.45 -5.18
C ALA A 9 13.44 20.40 -4.29
N THR A 10 12.18 20.07 -4.04
CA THR A 10 11.32 20.94 -3.23
C THR A 10 10.65 20.17 -2.09
N ARG A 11 10.32 20.90 -1.03
CA ARG A 11 9.60 20.33 0.10
C ARG A 11 8.21 19.82 -0.31
N LEU A 12 7.54 20.56 -1.18
CA LEU A 12 6.21 20.17 -1.65
C LEU A 12 6.27 18.86 -2.43
N GLY A 13 7.31 18.70 -3.25
CA GLY A 13 7.47 17.49 -4.04
C GLY A 13 7.71 16.29 -3.16
N LEU A 14 8.54 16.47 -2.13
CA LEU A 14 8.80 15.44 -1.15
C LEU A 14 7.51 15.00 -0.47
N ILE A 15 6.72 15.97 -0.02
CA ILE A 15 5.47 15.66 0.69
C ILE A 15 4.46 14.95 -0.20
N LEU A 16 4.34 15.40 -1.45
CA LEU A 16 3.41 14.79 -2.39
C LEU A 16 3.83 13.37 -2.79
N ALA A 17 5.14 13.16 -2.89
CA ALA A 17 5.68 11.84 -3.21
C ALA A 17 5.39 10.86 -2.07
N MET A 18 5.64 11.29 -0.85
CA MET A 18 5.37 10.50 0.33
C MET A 18 3.87 10.24 0.50
N ALA A 19 3.06 11.26 0.25
CA ALA A 19 1.62 11.14 0.33
C ALA A 19 1.11 10.23 -0.78
N GLY A 20 1.72 10.35 -1.95
CA GLY A 20 1.37 9.52 -3.09
C GLY A 20 1.64 8.06 -2.82
N TYR A 21 2.74 7.77 -2.13
CA TYR A 21 3.04 6.40 -1.75
C TYR A 21 1.96 5.86 -0.81
N ALA A 22 1.57 6.67 0.17
CA ALA A 22 0.61 6.24 1.18
C ALA A 22 -0.81 6.07 0.61
N VAL A 23 -1.21 7.01 -0.24
CA VAL A 23 -2.53 6.97 -0.84
C VAL A 23 -2.57 5.97 -1.99
N ASP A 24 -3.37 4.91 -1.82
CA ASP A 24 -3.60 3.96 -2.91
C ASP A 24 -5.05 3.49 -2.93
N LEU A 25 -5.28 2.35 -3.59
CA LEU A 25 -6.61 1.74 -3.69
C LEU A 25 -7.25 1.53 -2.32
N GLY A 26 -6.42 1.28 -1.31
CA GLY A 26 -6.90 1.03 0.04
C GLY A 26 -7.69 2.18 0.62
N ASN A 27 -7.26 3.40 0.29
CA ASN A 27 -7.93 4.60 0.76
C ASN A 27 -9.41 4.65 0.35
N PHE A 28 -9.68 4.15 -0.84
CA PHE A 28 -11.03 4.24 -1.41
C PHE A 28 -11.84 2.96 -1.22
N LEU A 29 -11.16 1.88 -0.83
CA LEU A 29 -11.81 0.57 -0.76
C LEU A 29 -11.67 -0.14 0.60
N ARG A 30 -10.45 -0.24 1.11
CA ARG A 30 -10.23 -0.95 2.37
C ARG A 30 -10.79 -0.20 3.58
N PHE A 31 -10.47 1.09 3.67
CA PHE A 31 -10.96 1.90 4.78
C PHE A 31 -12.49 1.94 4.95
N PRO A 32 -13.23 2.27 3.87
CA PRO A 32 -14.69 2.33 4.03
C PRO A 32 -15.28 1.00 4.50
N VAL A 33 -14.80 -0.10 3.94
CA VAL A 33 -15.25 -1.43 4.35
C VAL A 33 -14.95 -1.69 5.82
N GLN A 34 -13.74 -1.36 6.26
CA GLN A 34 -13.34 -1.59 7.65
C GLN A 34 -14.19 -0.80 8.64
N ALA A 35 -14.42 0.48 8.32
CA ALA A 35 -15.22 1.35 9.17
C ALA A 35 -16.66 0.85 9.27
N ALA A 36 -17.22 0.44 8.14
CA ALA A 36 -18.60 -0.04 8.10
C ALA A 36 -18.79 -1.34 8.87
N GLU A 37 -17.73 -2.14 8.97
CA GLU A 37 -17.80 -3.41 9.68
C GLU A 37 -17.47 -3.28 11.17
N ASN A 38 -16.81 -2.19 11.54
CA ASN A 38 -16.31 -2.04 12.89
C ASN A 38 -16.83 -0.82 13.66
N GLY A 39 -18.14 -0.62 13.62
CA GLY A 39 -18.76 0.41 14.45
C GLY A 39 -19.16 1.68 13.73
N GLY A 40 -18.85 1.77 12.43
CA GLY A 40 -19.18 2.94 11.65
C GLY A 40 -18.47 4.19 12.15
N GLY A 41 -19.25 5.14 12.66
CA GLY A 41 -18.70 6.38 13.17
C GLY A 41 -17.88 6.17 14.43
N ALA A 42 -18.23 5.14 15.19
CA ALA A 42 -17.51 4.80 16.42
C ALA A 42 -16.09 4.32 16.12
N PHE A 43 -15.87 3.82 14.91
CA PHE A 43 -14.56 3.33 14.48
C PHE A 43 -13.54 4.46 14.48
N MET A 44 -14.01 5.69 14.39
CA MET A 44 -13.13 6.85 14.37
C MET A 44 -12.43 7.08 15.72
N ILE A 45 -12.96 6.48 16.78
CA ILE A 45 -12.33 6.60 18.09
C ILE A 45 -11.02 5.80 18.19
N PRO A 46 -11.06 4.48 17.91
CA PRO A 46 -9.76 3.79 17.96
C PRO A 46 -8.88 4.16 16.77
N TYR A 47 -9.49 4.63 15.69
CA TYR A 47 -8.75 5.02 14.49
C TYR A 47 -7.85 6.22 14.75
N ILE A 48 -8.41 7.23 15.41
CA ILE A 48 -7.65 8.43 15.77
C ILE A 48 -6.58 8.11 16.82
N ILE A 49 -6.94 7.28 17.80
CA ILE A 49 -6.02 6.87 18.85
C ILE A 49 -4.84 6.08 18.29
N ALA A 50 -5.12 5.18 17.34
CA ALA A 50 -4.07 4.39 16.71
C ALA A 50 -3.20 5.29 15.83
N PHE A 51 -3.81 6.31 15.24
CA PHE A 51 -3.08 7.27 14.44
C PHE A 51 -2.10 8.05 15.30
N LEU A 52 -2.50 8.35 16.53
CA LEU A 52 -1.68 9.15 17.44
C LEU A 52 -0.64 8.32 18.18
N LEU A 53 -0.94 7.06 18.46
CA LEU A 53 -0.04 6.24 19.26
C LEU A 53 0.80 5.27 18.44
N VAL A 54 0.44 5.09 17.16
CA VAL A 54 1.14 4.12 16.33
C VAL A 54 1.57 4.70 14.98
N GLY A 55 0.60 5.17 14.21
CA GLY A 55 0.86 5.67 12.86
C GLY A 55 1.86 6.80 12.79
N ILE A 56 1.58 7.88 13.53
CA ILE A 56 2.46 9.04 13.58
C ILE A 56 3.88 8.74 14.14
N PRO A 57 3.97 8.11 15.33
CA PRO A 57 5.32 7.84 15.87
C PRO A 57 6.19 6.99 14.94
N LEU A 58 5.64 5.90 14.41
CA LEU A 58 6.40 5.01 13.55
C LEU A 58 6.81 5.71 12.26
N MET A 59 5.94 6.55 11.74
CA MET A 59 6.23 7.31 10.53
C MET A 59 7.44 8.23 10.72
N TRP A 60 7.45 8.96 11.82
CA TRP A 60 8.57 9.85 12.13
C TRP A 60 9.85 9.03 12.25
N ILE A 61 9.73 7.85 12.83
CA ILE A 61 10.87 6.95 13.00
C ILE A 61 11.43 6.45 11.66
N GLU A 62 10.54 6.07 10.74
CA GLU A 62 10.98 5.62 9.42
C GLU A 62 11.64 6.75 8.62
N TRP A 63 11.06 7.95 8.68
CA TRP A 63 11.67 9.14 8.09
C TRP A 63 13.06 9.37 8.68
N ALA A 64 13.16 9.27 10.01
CA ALA A 64 14.42 9.51 10.70
C ALA A 64 15.50 8.50 10.30
N MET A 65 15.11 7.23 10.22
CA MET A 65 16.03 6.19 9.82
C MET A 65 16.54 6.39 8.40
N GLY A 66 15.63 6.78 7.50
CA GLY A 66 15.99 7.02 6.11
C GLY A 66 16.97 8.18 5.96
N ARG A 67 16.64 9.32 6.55
CA ARG A 67 17.49 10.50 6.44
C ARG A 67 18.86 10.23 7.05
N TYR A 68 18.88 9.48 8.15
CA TYR A 68 20.12 9.09 8.80
C TYR A 68 21.00 8.26 7.87
N GLY A 69 20.40 7.30 7.18
CA GLY A 69 21.12 6.46 6.25
C GLY A 69 21.61 7.22 5.03
N GLY A 70 20.73 8.06 4.48
CA GLY A 70 21.02 8.80 3.27
C GLY A 70 22.21 9.72 3.40
N ALA A 71 22.40 10.27 4.60
CA ALA A 71 23.52 11.18 4.85
C ALA A 71 24.85 10.43 4.75
N GLN A 72 24.80 9.12 4.91
CA GLN A 72 26.00 8.29 4.80
C GLN A 72 25.99 7.46 3.52
N GLY A 73 25.06 7.78 2.62
CA GLY A 73 25.04 7.17 1.30
C GLY A 73 24.29 5.85 1.18
N HIS A 74 23.43 5.56 2.15
CA HIS A 74 22.72 4.29 2.16
C HIS A 74 21.21 4.47 2.32
N GLY A 75 20.44 3.92 1.38
CA GLY A 75 19.00 4.13 1.37
C GLY A 75 18.16 2.93 1.76
N THR A 76 18.80 1.79 1.98
CA THR A 76 18.06 0.57 2.32
C THR A 76 18.48 -0.02 3.66
N THR A 77 17.62 -0.86 4.20
CA THR A 77 17.79 -1.41 5.54
C THR A 77 18.97 -2.37 5.83
N PRO A 78 19.47 -3.11 4.81
CA PRO A 78 20.67 -3.90 5.12
C PRO A 78 21.82 -3.04 5.64
N ALA A 79 22.08 -1.90 4.97
CA ALA A 79 23.12 -0.98 5.41
C ALA A 79 22.66 -0.14 6.60
N ILE A 80 21.42 0.32 6.57
CA ILE A 80 20.92 1.22 7.60
C ILE A 80 20.85 0.55 8.98
N PHE A 81 20.33 -0.67 9.04
CA PHE A 81 20.31 -1.42 10.29
C PHE A 81 21.71 -1.62 10.85
N TYR A 82 22.68 -1.82 9.96
CA TYR A 82 24.06 -2.04 10.37
C TYR A 82 24.67 -0.77 10.94
N LEU A 83 24.33 0.38 10.36
CA LEU A 83 24.79 1.66 10.86
C LEU A 83 24.22 1.94 12.25
N LEU A 84 22.96 1.57 12.45
CA LEU A 84 22.30 1.72 13.73
C LEU A 84 22.82 0.72 14.75
N TRP A 85 23.16 -0.47 14.26
CA TRP A 85 23.59 -1.57 15.12
C TRP A 85 24.63 -2.41 14.37
N ARG A 86 25.90 -2.09 14.58
CA ARG A 86 26.97 -2.79 13.88
C ARG A 86 27.12 -4.23 14.33
N ASN A 87 26.27 -5.09 13.79
CA ASN A 87 26.25 -6.51 14.09
C ASN A 87 25.81 -7.28 12.85
N ARG A 88 26.30 -8.51 12.70
CA ARG A 88 25.98 -9.31 11.53
C ARG A 88 24.49 -9.66 11.44
N PHE A 89 23.87 -9.86 12.60
CA PHE A 89 22.45 -10.17 12.65
C PHE A 89 21.60 -8.98 12.18
N ALA A 90 22.15 -7.78 12.29
CA ALA A 90 21.46 -6.58 11.85
C ALA A 90 21.37 -6.50 10.32
N LYS A 91 22.46 -6.85 9.65
CA LYS A 91 22.47 -6.90 8.19
C LYS A 91 21.46 -7.92 7.66
N ILE A 92 21.31 -9.02 8.39
CA ILE A 92 20.38 -10.07 8.01
C ILE A 92 18.94 -9.62 8.24
N LEU A 93 18.69 -8.97 9.36
CA LEU A 93 17.37 -8.40 9.63
C LEU A 93 17.05 -7.33 8.60
N GLY A 94 18.07 -6.57 8.21
CA GLY A 94 17.92 -5.53 7.21
C GLY A 94 17.50 -6.06 5.86
N VAL A 95 17.91 -7.28 5.54
CA VAL A 95 17.52 -7.92 4.29
C VAL A 95 16.00 -8.04 4.17
N PHE A 96 15.34 -8.33 5.28
CA PHE A 96 13.88 -8.43 5.33
C PHE A 96 13.21 -7.18 4.76
N GLY A 97 13.73 -6.02 5.16
CA GLY A 97 13.17 -4.76 4.73
C GLY A 97 13.50 -4.40 3.30
N LEU A 98 14.27 -5.26 2.64
CA LEU A 98 14.51 -5.13 1.21
C LEU A 98 13.72 -6.21 0.50
N TRP A 99 13.58 -7.35 1.18
CA TRP A 99 12.82 -8.48 0.67
C TRP A 99 11.33 -8.16 0.58
N ILE A 100 10.82 -7.44 1.57
CA ILE A 100 9.40 -7.07 1.61
C ILE A 100 8.94 -6.22 0.40
N PRO A 101 9.60 -5.07 0.14
CA PRO A 101 9.11 -4.30 -1.01
C PRO A 101 9.37 -5.01 -2.33
N LEU A 102 10.41 -5.84 -2.39
CA LEU A 102 10.67 -6.61 -3.60
C LEU A 102 9.54 -7.60 -3.86
N VAL A 103 9.17 -8.35 -2.83
CA VAL A 103 8.10 -9.34 -2.97
C VAL A 103 6.74 -8.67 -3.23
N VAL A 104 6.49 -7.57 -2.53
CA VAL A 104 5.22 -6.85 -2.71
C VAL A 104 5.06 -6.29 -4.11
N ALA A 105 6.13 -5.71 -4.65
CA ALA A 105 6.13 -5.17 -6.01
C ALA A 105 5.80 -6.25 -7.03
N ILE A 106 6.25 -7.47 -6.75
CA ILE A 106 6.04 -8.60 -7.63
C ILE A 106 4.55 -8.91 -7.87
N TYR A 107 3.70 -8.60 -6.89
CA TYR A 107 2.27 -8.74 -7.11
C TYR A 107 1.53 -7.41 -7.25
N TYR A 108 2.06 -6.35 -6.64
CA TYR A 108 1.37 -5.07 -6.63
C TYR A 108 1.24 -4.44 -8.03
N VAL A 109 2.33 -4.45 -8.78
CA VAL A 109 2.30 -3.85 -10.11
C VAL A 109 1.29 -4.55 -11.02
N TYR A 110 1.12 -5.86 -10.83
CA TYR A 110 0.13 -6.61 -11.60
C TYR A 110 -1.28 -6.14 -11.26
N ILE A 111 -1.58 -6.02 -9.97
CA ILE A 111 -2.88 -5.52 -9.51
C ILE A 111 -3.14 -4.12 -10.08
N GLU A 112 -2.10 -3.29 -10.03
CA GLU A 112 -2.17 -1.94 -10.59
C GLU A 112 -2.50 -1.97 -12.08
N SER A 113 -1.95 -2.96 -12.79
CA SER A 113 -2.18 -3.07 -14.22
C SER A 113 -3.64 -3.38 -14.54
N TRP A 114 -4.34 -4.03 -13.61
CA TRP A 114 -5.76 -4.34 -13.80
C TRP A 114 -6.58 -3.05 -13.92
N THR A 115 -6.21 -2.05 -13.13
CA THR A 115 -6.95 -0.80 -13.10
C THR A 115 -6.75 -0.02 -14.40
N LEU A 116 -5.55 -0.11 -14.97
CA LEU A 116 -5.29 0.49 -16.26
C LEU A 116 -6.08 -0.24 -17.35
N GLY A 117 -6.06 -1.57 -17.29
CA GLY A 117 -6.81 -2.38 -18.23
C GLY A 117 -8.29 -2.08 -18.21
N PHE A 118 -8.86 -1.97 -17.00
CA PHE A 118 -10.28 -1.68 -16.85
C PHE A 118 -10.62 -0.25 -17.26
N ALA A 119 -9.70 0.67 -17.01
CA ALA A 119 -9.88 2.07 -17.40
C ALA A 119 -10.02 2.16 -18.92
N ILE A 120 -9.12 1.48 -19.62
CA ILE A 120 -9.13 1.43 -21.08
C ILE A 120 -10.42 0.80 -21.62
N LYS A 121 -10.82 -0.31 -21.03
CA LYS A 121 -12.02 -1.02 -21.48
C LYS A 121 -13.30 -0.23 -21.24
N PHE A 122 -13.35 0.49 -20.12
CA PHE A 122 -14.49 1.36 -19.83
C PHE A 122 -14.50 2.56 -20.76
N LEU A 123 -13.34 3.15 -20.99
CA LEU A 123 -13.22 4.31 -21.86
C LEU A 123 -13.73 4.02 -23.27
N VAL A 124 -13.34 2.88 -23.83
CA VAL A 124 -13.70 2.56 -25.20
C VAL A 124 -15.08 1.90 -25.28
N GLY A 125 -15.61 1.48 -24.14
CA GLY A 125 -16.95 0.92 -24.08
C GLY A 125 -17.01 -0.59 -24.19
N LEU A 126 -15.86 -1.26 -24.04
CA LEU A 126 -15.81 -2.71 -24.10
C LEU A 126 -16.12 -3.32 -22.73
N VAL A 127 -17.34 -3.08 -22.25
CA VAL A 127 -17.78 -3.61 -20.96
C VAL A 127 -19.13 -4.28 -21.11
N PRO A 128 -19.47 -5.22 -20.21
CA PRO A 128 -20.76 -5.92 -20.30
C PRO A 128 -21.92 -4.94 -20.12
N GLU A 129 -23.03 -5.19 -20.79
CA GLU A 129 -24.16 -4.29 -20.70
C GLU A 129 -25.44 -5.03 -20.33
N PRO A 130 -25.64 -5.27 -19.02
CA PRO A 130 -26.86 -5.91 -18.50
C PRO A 130 -28.08 -4.99 -18.71
N PRO A 131 -29.30 -5.55 -18.67
CA PRO A 131 -29.67 -6.95 -18.44
C PRO A 131 -29.30 -7.88 -19.59
N THR A 135 -32.99 -5.11 -13.27
CA THR A 135 -33.80 -6.24 -12.84
C THR A 135 -33.46 -6.64 -11.41
N ASP A 136 -32.67 -7.70 -11.26
CA ASP A 136 -32.26 -8.18 -9.94
C ASP A 136 -30.74 -8.04 -9.77
N PRO A 137 -30.28 -7.83 -8.54
CA PRO A 137 -28.86 -7.54 -8.24
C PRO A 137 -27.88 -8.58 -8.78
N ASP A 138 -28.27 -9.85 -8.75
CA ASP A 138 -27.38 -10.91 -9.22
C ASP A 138 -27.29 -10.88 -10.75
N SER A 139 -28.33 -10.36 -11.40
CA SER A 139 -28.36 -10.29 -12.85
C SER A 139 -27.50 -9.12 -13.34
N ILE A 140 -27.20 -8.19 -12.44
CA ILE A 140 -26.40 -7.02 -12.78
C ILE A 140 -24.94 -7.21 -12.37
N LEU A 141 -24.73 -7.91 -11.25
CA LEU A 141 -23.39 -8.14 -10.73
C LEU A 141 -22.64 -9.25 -11.47
N ARG A 142 -23.35 -10.33 -11.81
CA ARG A 142 -22.75 -11.49 -12.45
C ARG A 142 -21.97 -11.22 -13.75
N PRO A 143 -22.53 -10.43 -14.68
CA PRO A 143 -21.75 -10.14 -15.90
C PRO A 143 -20.45 -9.41 -15.64
N PHE A 144 -20.37 -8.65 -14.56
CA PHE A 144 -19.16 -7.93 -14.22
C PHE A 144 -18.18 -8.82 -13.44
N LYS A 145 -18.73 -9.77 -12.71
CA LYS A 145 -17.93 -10.78 -12.04
C LYS A 145 -17.22 -11.62 -13.11
N GLU A 146 -17.97 -12.05 -14.10
CA GLU A 146 -17.41 -12.82 -15.21
C GLU A 146 -16.43 -11.99 -16.02
N PHE A 147 -16.75 -10.71 -16.18
CA PHE A 147 -15.91 -9.76 -16.88
C PHE A 147 -14.54 -9.69 -16.23
N LEU A 148 -14.53 -9.63 -14.90
CA LEU A 148 -13.30 -9.55 -14.13
C LEU A 148 -12.58 -10.90 -14.12
N TYR A 149 -13.34 -11.97 -13.95
CA TYR A 149 -12.79 -13.32 -13.88
C TYR A 149 -12.07 -13.73 -15.16
N SER A 150 -12.63 -13.31 -16.31
CA SER A 150 -12.04 -13.60 -17.61
C SER A 150 -10.77 -12.80 -17.85
N TYR A 151 -10.72 -11.59 -17.31
CA TYR A 151 -9.55 -10.72 -17.44
C TYR A 151 -8.37 -11.29 -16.65
N ILE A 152 -8.62 -11.64 -15.39
CA ILE A 152 -7.59 -12.21 -14.53
C ILE A 152 -7.30 -13.67 -14.89
N GLY A 153 -8.33 -14.37 -15.35
CA GLY A 153 -8.20 -15.78 -15.68
C GLY A 153 -8.44 -16.67 -14.48
N VAL A 154 -9.40 -16.30 -13.65
CA VAL A 154 -9.80 -17.09 -12.49
C VAL A 154 -10.15 -18.51 -12.92
N PRO A 155 -9.61 -19.52 -12.22
CA PRO A 155 -9.77 -20.93 -12.59
C PRO A 155 -11.24 -21.34 -12.73
N LYS A 156 -11.55 -22.07 -13.79
CA LYS A 156 -12.90 -22.56 -14.01
C LYS A 156 -13.04 -24.01 -13.56
N GLY A 157 -11.92 -24.73 -13.55
CA GLY A 157 -11.92 -26.12 -13.15
C GLY A 157 -11.37 -26.32 -11.74
N ASP A 158 -10.70 -27.45 -11.54
CA ASP A 158 -10.13 -27.76 -10.24
C ASP A 158 -8.64 -27.37 -10.17
N GLU A 159 -8.05 -27.09 -11.32
CA GLU A 159 -6.63 -26.76 -11.40
C GLU A 159 -6.37 -25.37 -10.83
N PRO A 160 -5.24 -25.21 -10.12
CA PRO A 160 -4.87 -23.91 -9.54
C PRO A 160 -4.14 -23.03 -10.55
N ILE A 161 -4.60 -23.07 -11.80
CA ILE A 161 -3.95 -22.35 -12.89
C ILE A 161 -4.75 -21.13 -13.31
N LEU A 162 -4.06 -20.00 -13.45
CA LEU A 162 -4.68 -18.79 -13.98
C LEU A 162 -4.38 -18.70 -15.47
N LYS A 163 -5.33 -18.20 -16.24
CA LYS A 163 -5.10 -17.92 -17.64
C LYS A 163 -5.56 -16.51 -17.97
N PRO A 164 -4.68 -15.52 -17.73
CA PRO A 164 -4.99 -14.11 -17.99
C PRO A 164 -5.23 -13.90 -19.48
N SER A 165 -6.10 -12.96 -19.83
CA SER A 165 -6.33 -12.65 -21.23
C SER A 165 -5.07 -12.05 -21.82
N LEU A 166 -4.96 -12.08 -23.15
CA LEU A 166 -3.81 -11.46 -23.81
C LEU A 166 -3.77 -9.98 -23.48
N PHE A 167 -4.94 -9.36 -23.41
CA PHE A 167 -5.06 -7.94 -23.12
C PHE A 167 -4.47 -7.61 -21.73
N ALA A 168 -4.83 -8.42 -20.74
CA ALA A 168 -4.32 -8.24 -19.38
C ALA A 168 -2.79 -8.28 -19.33
N TYR A 169 -2.21 -9.20 -20.12
CA TYR A 169 -0.77 -9.40 -20.15
C TYR A 169 -0.04 -8.23 -20.81
N ILE A 170 -0.62 -7.71 -21.89
CA ILE A 170 -0.05 -6.58 -22.60
C ILE A 170 -0.09 -5.31 -21.74
N VAL A 171 -1.22 -5.14 -21.04
CA VAL A 171 -1.41 -4.00 -20.16
C VAL A 171 -0.42 -4.02 -18.99
N PHE A 172 -0.09 -5.23 -18.53
CA PHE A 172 0.91 -5.37 -17.48
C PHE A 172 2.28 -4.94 -18.01
N LEU A 173 2.58 -5.30 -19.25
CA LEU A 173 3.78 -4.84 -19.91
C LEU A 173 3.80 -3.32 -20.01
N ILE A 174 2.67 -2.75 -20.42
CA ILE A 174 2.56 -1.30 -20.53
C ILE A 174 2.72 -0.64 -19.17
N THR A 175 2.12 -1.24 -18.14
CA THR A 175 2.21 -0.73 -16.78
C THR A 175 3.64 -0.73 -16.26
N MET A 176 4.38 -1.81 -16.51
CA MET A 176 5.79 -1.88 -16.14
C MET A 176 6.59 -0.80 -16.85
N PHE A 177 6.29 -0.59 -18.14
CA PHE A 177 6.98 0.41 -18.94
C PHE A 177 6.75 1.81 -18.38
N ILE A 178 5.54 2.06 -17.89
CA ILE A 178 5.21 3.37 -17.31
C ILE A 178 5.96 3.60 -16.01
N ASN A 179 6.01 2.59 -15.15
CA ASN A 179 6.81 2.67 -13.93
C ASN A 179 8.28 2.96 -14.23
N VAL A 180 8.81 2.27 -15.22
CA VAL A 180 10.21 2.43 -15.60
C VAL A 180 10.50 3.83 -16.14
N SER A 181 9.63 4.31 -17.02
CA SER A 181 9.76 5.65 -17.60
C SER A 181 9.88 6.74 -16.55
N ILE A 182 9.18 6.56 -15.43
CA ILE A 182 9.25 7.52 -14.33
C ILE A 182 10.52 7.31 -13.51
N LEU A 183 10.72 6.07 -13.05
CA LEU A 183 11.84 5.72 -12.18
C LEU A 183 13.22 6.01 -12.79
N ILE A 184 13.35 5.75 -14.09
CA ILE A 184 14.64 5.89 -14.76
C ILE A 184 15.11 7.34 -14.86
N ARG A 185 14.19 8.28 -14.61
CA ARG A 185 14.54 9.70 -14.62
C ARG A 185 14.95 10.19 -13.23
N GLY A 186 14.80 9.33 -12.22
CA GLY A 186 15.31 9.61 -10.90
C GLY A 186 14.33 10.18 -9.90
N ILE A 187 14.86 10.68 -8.79
CA ILE A 187 14.05 11.18 -7.69
C ILE A 187 13.36 12.51 -8.04
N SER A 188 14.16 13.52 -8.38
CA SER A 188 13.60 14.86 -8.62
C SER A 188 12.90 14.99 -9.98
N LYS A 189 13.56 14.54 -11.03
CA LYS A 189 13.00 14.68 -12.38
C LYS A 189 12.03 13.58 -12.74
N GLY A 190 11.99 12.53 -11.92
CA GLY A 190 11.08 11.42 -12.16
C GLY A 190 9.96 11.34 -11.14
N ILE A 191 10.27 10.80 -9.97
CA ILE A 191 9.25 10.57 -8.94
C ILE A 191 8.61 11.87 -8.45
N GLU A 192 9.45 12.84 -8.11
CA GLU A 192 8.97 14.13 -7.60
C GLU A 192 8.13 14.86 -8.64
N ARG A 193 8.62 14.88 -9.87
CA ARG A 193 7.93 15.56 -10.96
C ARG A 193 6.57 14.93 -11.23
N PHE A 194 6.50 13.60 -11.17
CA PHE A 194 5.24 12.90 -11.38
C PHE A 194 4.26 13.12 -10.23
N ALA A 195 4.80 13.18 -9.02
CA ALA A 195 3.97 13.38 -7.83
C ALA A 195 3.25 14.73 -7.86
N LYS A 196 3.90 15.74 -8.45
CA LYS A 196 3.33 17.07 -8.51
C LYS A 196 2.18 17.17 -9.53
N ILE A 197 2.11 16.18 -10.41
CA ILE A 197 1.03 16.10 -11.39
C ILE A 197 -0.04 15.13 -10.96
N ALA A 198 0.38 13.95 -10.50
CA ALA A 198 -0.54 12.86 -10.18
C ALA A 198 -1.41 13.14 -8.97
N MET A 199 -0.85 13.78 -7.96
CA MET A 199 -1.61 14.08 -6.73
C MET A 199 -2.76 15.09 -6.93
N PRO A 200 -2.51 16.22 -7.63
CA PRO A 200 -3.65 17.09 -7.92
C PRO A 200 -4.69 16.39 -8.79
N THR A 201 -4.21 15.62 -9.77
CA THR A 201 -5.10 14.86 -10.65
C THR A 201 -5.94 13.86 -9.87
N LEU A 202 -5.29 13.19 -8.92
CA LEU A 202 -5.96 12.23 -8.05
C LEU A 202 -7.04 12.94 -7.24
N PHE A 203 -6.73 14.15 -6.80
CA PHE A 203 -7.67 14.96 -6.03
C PHE A 203 -8.86 15.41 -6.87
N ILE A 204 -8.59 15.85 -8.09
CA ILE A 204 -9.64 16.31 -9.00
C ILE A 204 -10.60 15.18 -9.37
N LEU A 205 -10.04 14.02 -9.69
CA LEU A 205 -10.85 12.85 -10.03
C LEU A 205 -11.72 12.44 -8.85
N ALA A 206 -11.14 12.48 -7.66
CA ALA A 206 -11.86 12.07 -6.45
C ALA A 206 -13.03 13.00 -6.15
N VAL A 207 -12.78 14.30 -6.17
CA VAL A 207 -13.83 15.29 -5.92
C VAL A 207 -14.96 15.14 -6.93
N PHE A 208 -14.61 14.94 -8.19
CA PHE A 208 -15.61 14.73 -9.23
C PHE A 208 -16.46 13.49 -8.95
N LEU A 209 -15.83 12.44 -8.45
CA LEU A 209 -16.54 11.21 -8.14
C LEU A 209 -17.45 11.37 -6.94
N VAL A 210 -16.97 12.10 -5.92
CA VAL A 210 -17.77 12.38 -4.74
C VAL A 210 -19.06 13.10 -5.13
N ILE A 211 -18.93 14.09 -6.01
CA ILE A 211 -20.07 14.87 -6.47
C ILE A 211 -21.05 14.02 -7.26
N ARG A 212 -20.54 13.18 -8.16
CA ARG A 212 -21.40 12.35 -9.00
C ARG A 212 -22.08 11.27 -8.16
N VAL A 213 -21.39 10.80 -7.13
CA VAL A 213 -21.95 9.79 -6.24
C VAL A 213 -23.08 10.37 -5.39
N PHE A 214 -22.88 11.57 -4.87
CA PHE A 214 -23.88 12.22 -4.02
C PHE A 214 -25.18 12.49 -4.77
N LEU A 215 -25.11 12.52 -6.11
CA LEU A 215 -26.29 12.76 -6.93
C LEU A 215 -27.01 11.46 -7.31
N LEU A 216 -26.48 10.32 -6.88
CA LEU A 216 -27.07 9.03 -7.21
C LEU A 216 -28.37 8.77 -6.46
N GLU A 217 -29.45 8.57 -7.22
CA GLU A 217 -30.77 8.33 -6.64
C GLU A 217 -31.42 7.13 -7.33
N THR A 218 -31.57 6.04 -6.58
CA THR A 218 -32.20 4.83 -7.11
C THR A 218 -33.41 4.46 -6.25
N PRO A 219 -34.33 3.64 -6.79
CA PRO A 219 -35.49 3.17 -6.03
C PRO A 219 -35.12 2.45 -4.73
N ASN A 220 -33.87 2.04 -4.59
CA ASN A 220 -33.43 1.34 -3.38
C ASN A 220 -32.86 2.27 -2.32
N GLY A 221 -32.49 3.49 -2.72
CA GLY A 221 -31.96 4.46 -1.79
C GLY A 221 -31.12 5.54 -2.42
N THR A 222 -30.48 6.36 -1.59
CA THR A 222 -29.64 7.46 -2.06
C THR A 222 -28.25 7.38 -1.45
N ALA A 223 -27.37 8.28 -1.90
CA ALA A 223 -26.01 8.33 -1.38
C ALA A 223 -25.99 8.77 0.08
N ALA A 224 -26.94 9.64 0.43
CA ALA A 224 -27.07 10.13 1.80
C ALA A 224 -27.35 8.98 2.75
N ASP A 225 -28.06 7.98 2.27
CA ASP A 225 -28.28 6.76 3.04
C ASP A 225 -26.96 6.04 3.26
N GLY A 226 -26.11 6.09 2.24
CA GLY A 226 -24.80 5.47 2.32
C GLY A 226 -23.91 6.13 3.36
N LEU A 227 -23.84 7.45 3.32
CA LEU A 227 -23.11 8.21 4.31
C LEU A 227 -23.68 7.95 5.70
N ASN A 228 -25.00 7.82 5.76
CA ASN A 228 -25.68 7.50 7.01
C ASN A 228 -25.29 6.12 7.54
N PHE A 229 -25.41 5.09 6.71
CA PHE A 229 -25.06 3.73 7.09
C PHE A 229 -23.60 3.62 7.51
N LEU A 230 -22.74 4.39 6.84
CA LEU A 230 -21.31 4.33 7.10
C LEU A 230 -20.91 5.12 8.33
N TRP A 231 -21.56 6.26 8.54
CA TRP A 231 -21.11 7.19 9.58
C TRP A 231 -21.96 7.23 10.86
N THR A 232 -22.92 6.33 10.98
CA THR A 232 -23.65 6.21 12.23
C THR A 232 -22.87 5.32 13.19
N PRO A 233 -22.53 5.85 14.37
CA PRO A 233 -21.70 5.17 15.37
C PRO A 233 -22.39 3.96 16.00
N ASP A 234 -21.65 2.88 16.16
CA ASP A 234 -22.11 1.72 16.90
C ASP A 234 -21.11 1.44 18.01
N PHE A 235 -21.28 2.14 19.13
CA PHE A 235 -20.33 2.12 20.23
C PHE A 235 -20.22 0.76 20.92
N GLU A 236 -21.16 -0.12 20.67
CA GLU A 236 -21.13 -1.45 21.29
C GLU A 236 -19.98 -2.29 20.73
N LYS A 237 -19.57 -1.99 19.50
CA LYS A 237 -18.49 -2.72 18.86
C LYS A 237 -17.13 -2.37 19.45
N LEU A 238 -17.08 -1.27 20.20
CA LEU A 238 -15.83 -0.84 20.84
C LEU A 238 -15.41 -1.77 21.97
N LYS A 239 -16.28 -2.70 22.34
CA LYS A 239 -15.97 -3.71 23.34
C LYS A 239 -15.11 -4.80 22.71
N ASP A 240 -15.44 -5.15 21.47
CA ASP A 240 -14.69 -6.15 20.72
C ASP A 240 -13.26 -5.66 20.52
N PRO A 241 -12.27 -6.42 21.03
CA PRO A 241 -10.86 -6.07 20.84
C PRO A 241 -10.49 -6.05 19.36
N GLY A 242 -11.16 -6.90 18.57
CA GLY A 242 -10.90 -6.99 17.15
C GLY A 242 -11.08 -5.68 16.42
N VAL A 243 -12.01 -4.86 16.91
CA VAL A 243 -12.24 -3.54 16.35
C VAL A 243 -11.04 -2.64 16.61
N TRP A 244 -10.49 -2.74 17.82
CA TRP A 244 -9.28 -2.02 18.16
C TRP A 244 -8.08 -2.56 17.39
N ILE A 245 -8.05 -3.88 17.17
CA ILE A 245 -7.00 -4.49 16.37
C ILE A 245 -7.12 -4.04 14.92
N ALA A 246 -8.34 -3.98 14.42
CA ALA A 246 -8.60 -3.58 13.04
C ALA A 246 -8.21 -2.13 12.79
N ALA A 247 -8.38 -1.28 13.79
CA ALA A 247 -8.03 0.13 13.69
C ALA A 247 -6.52 0.32 13.63
N VAL A 248 -5.81 -0.39 14.49
CA VAL A 248 -4.35 -0.37 14.50
C VAL A 248 -3.81 -0.85 13.16
N GLY A 249 -4.33 -1.97 12.69
CA GLY A 249 -3.95 -2.49 11.38
C GLY A 249 -4.30 -1.55 10.25
N GLN A 250 -5.49 -0.95 10.31
CA GLN A 250 -5.92 -0.04 9.27
C GLN A 250 -4.97 1.15 9.16
N ILE A 251 -4.64 1.75 10.30
CA ILE A 251 -3.71 2.88 10.34
C ILE A 251 -2.32 2.47 9.86
N PHE A 252 -1.85 1.32 10.32
CA PHE A 252 -0.52 0.84 9.98
C PHE A 252 -0.35 0.66 8.48
N PHE A 253 -1.30 -0.02 7.86
CA PHE A 253 -1.22 -0.31 6.43
C PHE A 253 -1.52 0.88 5.54
N SER A 254 -2.51 1.69 5.91
CA SER A 254 -2.86 2.83 5.08
C SER A 254 -1.72 3.85 4.99
N LEU A 255 -0.94 3.96 6.06
CA LEU A 255 0.23 4.82 6.05
C LEU A 255 1.41 4.18 5.31
N GLY A 256 1.30 2.87 5.06
CA GLY A 256 2.35 2.15 4.35
C GLY A 256 3.61 1.93 5.18
N LEU A 257 3.44 1.84 6.49
CA LEU A 257 4.57 1.61 7.39
C LEU A 257 5.07 0.17 7.28
N GLY A 258 6.36 -0.02 7.48
CA GLY A 258 6.95 -1.35 7.50
C GLY A 258 7.28 -1.94 6.14
N PHE A 259 6.99 -1.21 5.06
CA PHE A 259 7.23 -1.70 3.71
C PHE A 259 8.60 -1.32 3.15
N GLY A 260 9.21 -0.30 3.74
CA GLY A 260 10.56 0.10 3.36
C GLY A 260 10.64 1.27 2.39
N ALA A 261 9.51 1.61 1.78
CA ALA A 261 9.47 2.71 0.82
C ALA A 261 9.72 4.05 1.48
N ILE A 262 9.10 4.26 2.64
CA ILE A 262 9.24 5.52 3.38
C ILE A 262 10.70 5.77 3.75
N ILE A 263 11.35 4.74 4.28
CA ILE A 263 12.77 4.82 4.63
C ILE A 263 13.60 5.23 3.44
N THR A 264 13.40 4.56 2.31
CA THR A 264 14.17 4.85 1.11
C THR A 264 13.90 6.26 0.58
N PHE A 265 12.64 6.67 0.54
CA PHE A 265 12.30 8.02 0.11
C PHE A 265 12.94 9.07 1.02
N ALA A 266 12.90 8.82 2.32
CA ALA A 266 13.49 9.73 3.30
C ALA A 266 15.01 9.84 3.14
N SER A 267 15.62 8.80 2.58
CA SER A 267 17.07 8.79 2.39
C SER A 267 17.55 9.82 1.37
N TYR A 268 16.62 10.47 0.69
CA TYR A 268 16.95 11.51 -0.28
C TYR A 268 16.64 12.90 0.28
N VAL A 269 16.24 12.93 1.55
CA VAL A 269 16.09 14.19 2.28
C VAL A 269 17.46 14.60 2.82
N ARG A 270 17.84 15.85 2.61
CA ARG A 270 19.13 16.34 3.07
C ARG A 270 19.27 16.24 4.58
N LYS A 271 20.52 16.14 5.03
CA LYS A 271 20.83 15.83 6.43
C LYS A 271 20.12 16.69 7.48
N ASP A 272 20.00 17.97 7.22
CA ASP A 272 19.43 18.90 8.20
C ASP A 272 18.06 19.43 7.79
N GLN A 273 17.48 18.83 6.76
CA GLN A 273 16.15 19.22 6.28
C GLN A 273 15.08 18.62 7.18
N ASP A 274 13.99 19.37 7.39
CA ASP A 274 12.89 18.94 8.25
C ASP A 274 12.26 17.63 7.81
N ILE A 275 11.88 16.80 8.79
CA ILE A 275 11.12 15.59 8.52
C ILE A 275 9.91 15.49 9.44
N VAL A 276 9.92 16.28 10.51
CA VAL A 276 8.84 16.26 11.49
C VAL A 276 7.54 16.81 10.92
N LEU A 277 7.58 18.03 10.40
CA LEU A 277 6.40 18.65 9.81
C LEU A 277 6.07 18.02 8.46
N SER A 278 7.12 17.71 7.70
CA SER A 278 6.95 17.10 6.39
C SER A 278 6.29 15.72 6.52
N GLY A 279 6.75 14.94 7.48
CA GLY A 279 6.18 13.62 7.72
C GLY A 279 4.75 13.69 8.23
N LEU A 280 4.51 14.61 9.15
CA LEU A 280 3.18 14.80 9.71
C LEU A 280 2.19 15.27 8.65
N THR A 281 2.67 16.08 7.71
CA THR A 281 1.83 16.60 6.65
C THR A 281 1.45 15.51 5.66
N ALA A 282 2.43 14.71 5.26
CA ALA A 282 2.19 13.59 4.36
C ALA A 282 1.19 12.61 4.96
N ALA A 283 1.38 12.30 6.24
CA ALA A 283 0.48 11.40 6.95
C ALA A 283 -0.95 11.94 7.01
N THR A 284 -1.07 13.24 7.22
CA THR A 284 -2.37 13.90 7.32
C THR A 284 -3.09 13.89 5.98
N LEU A 285 -2.34 14.09 4.90
CA LEU A 285 -2.90 14.05 3.56
C LEU A 285 -3.52 12.68 3.27
N ASN A 286 -2.84 11.63 3.70
CA ASN A 286 -3.34 10.27 3.52
C ASN A 286 -4.65 10.05 4.27
N GLU A 287 -4.72 10.55 5.50
CA GLU A 287 -5.92 10.40 6.33
C GLU A 287 -7.09 11.17 5.75
N LYS A 288 -6.82 12.38 5.27
CA LYS A 288 -7.86 13.21 4.67
C LYS A 288 -8.42 12.55 3.42
N ALA A 289 -7.51 12.05 2.58
CA ALA A 289 -7.91 11.38 1.35
C ALA A 289 -8.68 10.11 1.67
N GLU A 290 -8.43 9.56 2.85
CA GLU A 290 -9.01 8.30 3.26
C GLU A 290 -10.43 8.47 3.80
N VAL A 291 -10.58 9.33 4.81
CA VAL A 291 -11.87 9.48 5.49
C VAL A 291 -12.84 10.40 4.73
N ILE A 292 -12.31 11.40 4.04
CA ILE A 292 -13.16 12.36 3.35
C ILE A 292 -13.50 11.91 1.94
N LEU A 293 -12.47 11.56 1.17
CA LEU A 293 -12.65 11.18 -0.23
C LEU A 293 -13.07 9.71 -0.36
N GLY A 294 -12.29 8.83 0.27
CA GLY A 294 -12.57 7.40 0.21
C GLY A 294 -13.89 7.03 0.85
N GLY A 295 -14.21 7.67 1.97
CA GLY A 295 -15.43 7.38 2.69
C GLY A 295 -16.68 7.91 2.01
N SER A 296 -16.51 8.76 1.01
CA SER A 296 -17.64 9.42 0.35
C SER A 296 -18.00 8.82 -1.02
N ILE A 297 -17.19 7.89 -1.51
CA ILE A 297 -17.40 7.36 -2.85
C ILE A 297 -17.99 5.95 -2.89
N SER A 298 -17.20 4.96 -2.49
CA SER A 298 -17.53 3.55 -2.72
C SER A 298 -18.77 3.05 -1.97
N ILE A 299 -18.78 3.22 -0.66
CA ILE A 299 -19.91 2.75 0.16
C ILE A 299 -21.24 3.48 -0.15
N PRO A 300 -21.24 4.84 -0.17
CA PRO A 300 -22.49 5.51 -0.52
C PRO A 300 -23.05 5.10 -1.88
N ALA A 301 -22.18 4.87 -2.85
CA ALA A 301 -22.60 4.41 -4.17
C ALA A 301 -23.26 3.04 -4.09
N ALA A 302 -22.62 2.13 -3.35
CA ALA A 302 -23.14 0.78 -3.19
C ALA A 302 -24.48 0.76 -2.49
N VAL A 303 -24.63 1.63 -1.49
CA VAL A 303 -25.87 1.69 -0.71
C VAL A 303 -26.99 2.39 -1.48
N ALA A 304 -26.62 3.42 -2.26
CA ALA A 304 -27.59 4.14 -3.07
C ALA A 304 -28.27 3.21 -4.07
N PHE A 305 -27.51 2.29 -4.63
CA PHE A 305 -28.00 1.42 -5.69
C PHE A 305 -28.69 0.16 -5.16
N PHE A 306 -28.08 -0.47 -4.16
CA PHE A 306 -28.59 -1.74 -3.65
C PHE A 306 -29.42 -1.59 -2.38
N GLY A 307 -29.56 -0.36 -1.90
CA GLY A 307 -30.34 -0.09 -0.70
C GLY A 307 -29.57 -0.39 0.57
N VAL A 308 -29.96 0.27 1.65
CA VAL A 308 -29.30 0.10 2.94
C VAL A 308 -29.56 -1.30 3.50
N ALA A 309 -30.52 -2.00 2.90
CA ALA A 309 -30.84 -3.37 3.29
C ALA A 309 -29.69 -4.33 2.99
N ASN A 310 -28.99 -4.08 1.88
CA ASN A 310 -27.88 -4.94 1.49
C ASN A 310 -26.52 -4.38 1.91
N ALA A 311 -26.56 -3.31 2.70
CA ALA A 311 -25.34 -2.61 3.10
C ALA A 311 -24.36 -3.47 3.88
N VAL A 312 -24.89 -4.33 4.74
CA VAL A 312 -24.06 -5.24 5.52
C VAL A 312 -23.42 -6.29 4.63
N ALA A 313 -24.22 -6.84 3.72
CA ALA A 313 -23.74 -7.85 2.78
C ALA A 313 -22.65 -7.30 1.87
N ILE A 314 -22.76 -6.02 1.53
CA ILE A 314 -21.80 -5.38 0.63
C ILE A 314 -20.43 -5.25 1.29
N ALA A 315 -20.42 -4.76 2.53
CA ALA A 315 -19.16 -4.57 3.25
C ALA A 315 -18.48 -5.91 3.54
N LYS A 316 -19.27 -6.93 3.81
CA LYS A 316 -18.74 -8.26 4.07
C LYS A 316 -18.19 -8.92 2.81
N ALA A 317 -18.64 -8.44 1.66
CA ALA A 317 -18.15 -8.97 0.39
C ALA A 317 -16.69 -8.59 0.16
N GLY A 318 -16.25 -7.53 0.83
CA GLY A 318 -14.85 -7.14 0.79
C GLY A 318 -14.51 -5.97 -0.11
N ALA A 319 -13.28 -5.46 0.03
CA ALA A 319 -12.82 -4.31 -0.71
C ALA A 319 -12.62 -4.60 -2.19
N PHE A 320 -12.10 -5.78 -2.50
CA PHE A 320 -11.86 -6.18 -3.88
C PHE A 320 -13.16 -6.27 -4.68
N ASN A 321 -14.15 -6.96 -4.13
CA ASN A 321 -15.44 -7.09 -4.78
C ASN A 321 -16.15 -5.75 -4.95
N LEU A 322 -16.00 -4.88 -3.97
CA LEU A 322 -16.64 -3.57 -4.00
C LEU A 322 -16.06 -2.70 -5.11
N GLY A 323 -14.75 -2.76 -5.28
CA GLY A 323 -14.07 -1.89 -6.23
C GLY A 323 -13.97 -2.41 -7.64
N PHE A 324 -14.03 -3.73 -7.81
CA PHE A 324 -13.79 -4.33 -9.11
C PHE A 324 -15.02 -5.00 -9.72
N ILE A 325 -16.06 -5.21 -8.93
CA ILE A 325 -17.28 -5.81 -9.42
C ILE A 325 -18.49 -4.92 -9.17
N THR A 326 -18.73 -4.61 -7.90
CA THR A 326 -19.92 -3.88 -7.50
C THR A 326 -20.01 -2.47 -8.09
N LEU A 327 -18.95 -1.69 -7.92
CA LEU A 327 -18.91 -0.33 -8.46
C LEU A 327 -18.97 -0.24 -9.99
N PRO A 328 -18.15 -1.05 -10.71
CA PRO A 328 -18.30 -1.07 -12.17
C PRO A 328 -19.73 -1.42 -12.61
N ALA A 329 -20.35 -2.34 -11.88
CA ALA A 329 -21.72 -2.77 -12.20
C ALA A 329 -22.72 -1.62 -12.04
N ILE A 330 -22.59 -0.88 -10.94
CA ILE A 330 -23.49 0.23 -10.64
C ILE A 330 -23.40 1.35 -11.68
N PHE A 331 -22.17 1.66 -12.10
CA PHE A 331 -21.95 2.73 -13.07
C PHE A 331 -22.63 2.44 -14.40
N SER A 332 -22.53 1.21 -14.87
CA SER A 332 -23.14 0.79 -16.13
C SER A 332 -24.66 0.97 -16.15
N GLN A 333 -25.25 1.20 -14.97
CA GLN A 333 -26.68 1.41 -14.86
C GLN A 333 -27.02 2.91 -14.78
N THR A 334 -26.01 3.77 -14.88
CA THR A 334 -26.24 5.21 -14.82
C THR A 334 -25.88 5.89 -16.13
N ALA A 335 -26.35 7.12 -16.29
CA ALA A 335 -26.10 7.90 -17.50
C ALA A 335 -24.63 8.28 -17.62
N GLY A 336 -23.97 7.77 -18.66
CA GLY A 336 -22.56 8.02 -18.87
C GLY A 336 -21.67 7.23 -17.94
N GLY A 337 -22.21 6.15 -17.37
CA GLY A 337 -21.49 5.35 -16.40
C GLY A 337 -20.27 4.66 -16.98
N THR A 338 -20.30 4.47 -18.29
CA THR A 338 -19.14 3.96 -19.03
C THR A 338 -17.94 4.90 -18.85
N PHE A 339 -18.18 6.20 -18.92
CA PHE A 339 -17.12 7.18 -18.71
C PHE A 339 -16.82 7.32 -17.22
N LEU A 340 -17.84 7.12 -16.39
CA LEU A 340 -17.69 7.22 -14.94
C LEU A 340 -16.82 6.07 -14.43
N GLY A 341 -17.05 4.88 -14.98
CA GLY A 341 -16.23 3.73 -14.68
C GLY A 341 -14.79 3.97 -15.08
N PHE A 342 -14.58 4.68 -16.18
CA PHE A 342 -13.23 5.03 -16.61
C PHE A 342 -12.54 5.92 -15.58
N LEU A 343 -13.24 6.93 -15.10
CA LEU A 343 -12.69 7.85 -14.10
C LEU A 343 -12.36 7.13 -12.80
N TRP A 344 -13.25 6.23 -12.39
CA TRP A 344 -13.04 5.43 -11.19
C TRP A 344 -11.75 4.61 -11.27
N PHE A 345 -11.55 3.91 -12.37
CA PHE A 345 -10.34 3.11 -12.55
C PHE A 345 -9.10 3.96 -12.87
N PHE A 346 -9.31 5.10 -13.52
CA PHE A 346 -8.23 6.04 -13.77
C PHE A 346 -7.72 6.54 -12.41
N LEU A 347 -8.66 6.83 -11.51
CA LEU A 347 -8.32 7.21 -10.14
C LEU A 347 -7.53 6.09 -9.45
N LEU A 348 -8.02 4.87 -9.55
CA LEU A 348 -7.34 3.73 -8.91
C LEU A 348 -5.96 3.51 -9.52
N PHE A 349 -5.83 3.74 -10.83
CA PHE A 349 -4.55 3.54 -11.51
C PHE A 349 -3.47 4.50 -11.02
N PHE A 350 -3.80 5.79 -10.95
CA PHE A 350 -2.85 6.78 -10.48
C PHE A 350 -2.52 6.58 -9.01
N ALA A 351 -3.52 6.16 -8.23
CA ALA A 351 -3.32 5.84 -6.82
C ALA A 351 -2.34 4.68 -6.65
N GLY A 352 -2.39 3.73 -7.57
CA GLY A 352 -1.48 2.59 -7.54
C GLY A 352 -0.12 2.92 -8.10
N LEU A 353 -0.10 3.71 -9.18
CA LEU A 353 1.15 4.07 -9.84
C LEU A 353 2.06 4.91 -8.93
N THR A 354 1.47 5.79 -8.14
CA THR A 354 2.23 6.61 -7.22
C THR A 354 2.84 5.77 -6.09
N SER A 355 2.20 4.65 -5.79
CA SER A 355 2.71 3.76 -4.74
C SER A 355 3.78 2.81 -5.27
N SER A 356 3.59 2.30 -6.49
CA SER A 356 4.51 1.31 -7.04
C SER A 356 5.87 1.88 -7.41
N ILE A 357 5.91 3.13 -7.87
CA ILE A 357 7.19 3.78 -8.14
C ILE A 357 7.96 3.98 -6.84
N ALA A 358 7.21 4.18 -5.75
CA ALA A 358 7.81 4.30 -4.43
C ALA A 358 8.25 2.94 -3.90
N GLY A 359 7.54 1.89 -4.31
CA GLY A 359 7.80 0.55 -3.82
C GLY A 359 8.96 -0.18 -4.48
N MET A 360 9.33 0.27 -5.68
CA MET A 360 10.43 -0.35 -6.41
C MET A 360 11.74 0.39 -6.23
N GLN A 361 11.65 1.63 -5.76
CA GLN A 361 12.82 2.44 -5.42
C GLN A 361 13.80 1.80 -4.40
N PRO A 362 13.28 1.07 -3.39
CA PRO A 362 14.23 0.41 -2.48
C PRO A 362 15.21 -0.55 -3.17
N MET A 363 14.71 -1.35 -4.10
CA MET A 363 15.59 -2.27 -4.83
C MET A 363 16.57 -1.49 -5.70
N ILE A 364 16.07 -0.45 -6.36
CA ILE A 364 16.90 0.43 -7.15
C ILE A 364 17.98 1.11 -6.30
N ALA A 365 17.58 1.58 -5.12
CA ALA A 365 18.52 2.22 -4.20
C ALA A 365 19.62 1.26 -3.76
N PHE A 366 19.26 0.01 -3.51
CA PHE A 366 20.23 -0.98 -3.08
C PHE A 366 21.29 -1.21 -4.14
N LEU A 367 20.84 -1.34 -5.40
CA LEU A 367 21.77 -1.58 -6.50
C LEU A 367 22.69 -0.38 -6.74
N GLU A 368 22.14 0.82 -6.59
CA GLU A 368 22.92 2.05 -6.75
C GLU A 368 23.89 2.25 -5.60
N ASP A 369 23.37 2.24 -4.37
CA ASP A 369 24.17 2.54 -3.19
C ASP A 369 25.21 1.46 -2.87
N GLU A 370 24.81 0.19 -2.95
CA GLU A 370 25.65 -0.90 -2.44
C GLU A 370 26.41 -1.67 -3.54
N LEU A 371 25.88 -1.70 -4.75
CA LEU A 371 26.55 -2.40 -5.83
C LEU A 371 27.07 -1.45 -6.91
N LYS A 372 26.89 -0.15 -6.67
CA LYS A 372 27.43 0.89 -7.53
C LYS A 372 26.95 0.80 -8.98
N LEU A 373 25.70 0.39 -9.16
CA LEU A 373 25.10 0.38 -10.49
C LEU A 373 24.61 1.78 -10.85
N SER A 374 24.69 2.14 -12.14
CA SER A 374 24.13 3.39 -12.60
C SER A 374 22.62 3.33 -12.41
N ARG A 375 21.97 4.49 -12.40
CA ARG A 375 20.52 4.52 -12.25
C ARG A 375 19.82 3.73 -13.34
N LYS A 376 20.30 3.88 -14.57
CA LYS A 376 19.72 3.16 -15.70
C LYS A 376 19.77 1.64 -15.49
N HIS A 377 20.94 1.13 -15.12
CA HIS A 377 21.12 -0.30 -14.91
C HIS A 377 20.31 -0.80 -13.71
N ALA A 378 20.27 0.01 -12.65
CA ALA A 378 19.57 -0.37 -11.43
C ALA A 378 18.07 -0.49 -11.68
N VAL A 379 17.53 0.46 -12.43
CA VAL A 379 16.11 0.47 -12.76
C VAL A 379 15.75 -0.70 -13.66
N LEU A 380 16.55 -0.92 -14.69
CA LEU A 380 16.26 -1.96 -15.68
C LEU A 380 16.35 -3.37 -15.09
N TRP A 381 17.31 -3.57 -14.19
CA TRP A 381 17.48 -4.87 -13.54
C TRP A 381 16.38 -5.13 -12.53
N THR A 382 16.00 -4.09 -11.78
CA THR A 382 14.89 -4.18 -10.84
C THR A 382 13.61 -4.51 -11.60
N ALA A 383 13.40 -3.84 -12.73
CA ALA A 383 12.24 -4.09 -13.57
C ALA A 383 12.24 -5.52 -14.11
N ALA A 384 13.41 -6.01 -14.51
CA ALA A 384 13.53 -7.36 -15.04
C ALA A 384 13.18 -8.41 -13.99
N ILE A 385 13.63 -8.20 -12.76
CA ILE A 385 13.37 -9.13 -11.67
C ILE A 385 11.89 -9.17 -11.31
N VAL A 386 11.29 -7.99 -11.21
CA VAL A 386 9.87 -7.88 -10.90
C VAL A 386 9.01 -8.46 -12.01
N PHE A 387 9.30 -8.08 -13.25
CA PHE A 387 8.55 -8.57 -14.40
C PHE A 387 8.58 -10.08 -14.51
N PHE A 388 9.78 -10.65 -14.43
CA PHE A 388 9.94 -12.10 -14.47
C PHE A 388 9.18 -12.79 -13.36
N SER A 389 9.40 -12.35 -12.13
CA SER A 389 8.81 -12.97 -10.95
C SER A 389 7.28 -12.90 -10.95
N ALA A 390 6.73 -11.86 -11.56
CA ALA A 390 5.29 -11.62 -11.57
C ALA A 390 4.53 -12.71 -12.33
N HIS A 391 5.24 -13.45 -13.17
CA HIS A 391 4.64 -14.55 -13.93
C HIS A 391 4.08 -15.63 -13.02
N LEU A 392 4.66 -15.74 -11.82
CA LEU A 392 4.15 -16.65 -10.81
C LEU A 392 2.81 -16.15 -10.30
N VAL A 393 2.72 -14.84 -10.10
CA VAL A 393 1.50 -14.21 -9.63
C VAL A 393 0.42 -14.21 -10.71
N MET A 394 0.85 -14.14 -11.97
CA MET A 394 -0.09 -14.09 -13.08
C MET A 394 -0.67 -15.45 -13.44
N PHE A 395 0.08 -16.51 -13.17
CA PHE A 395 -0.32 -17.85 -13.64
C PHE A 395 -0.65 -18.87 -12.56
N LEU A 396 -0.27 -18.60 -11.31
CA LEU A 396 -0.56 -19.53 -10.22
C LEU A 396 -1.60 -18.98 -9.26
N ASN A 397 -2.74 -19.66 -9.16
CA ASN A 397 -3.84 -19.21 -8.32
C ASN A 397 -3.44 -19.16 -6.84
N LYS A 398 -3.74 -18.03 -6.20
CA LYS A 398 -3.44 -17.78 -4.78
C LYS A 398 -1.97 -17.52 -4.48
N SER A 399 -1.15 -17.40 -5.52
CA SER A 399 0.25 -17.02 -5.32
C SER A 399 0.30 -15.60 -4.77
N LEU A 400 -0.56 -14.74 -5.30
CA LEU A 400 -0.67 -13.35 -4.86
C LEU A 400 -0.99 -13.28 -3.38
N ASP A 401 -1.96 -14.08 -2.95
CA ASP A 401 -2.41 -14.09 -1.57
C ASP A 401 -1.31 -14.53 -0.62
N GLU A 402 -0.54 -15.53 -1.05
CA GLU A 402 0.54 -16.06 -0.25
C GLU A 402 1.66 -15.03 -0.09
N MET A 403 2.01 -14.36 -1.19
CA MET A 403 3.00 -13.29 -1.15
C MET A 403 2.50 -12.13 -0.28
N ASP A 404 1.22 -11.81 -0.42
CA ASP A 404 0.64 -10.69 0.32
C ASP A 404 0.59 -10.95 1.82
N PHE A 405 0.48 -12.22 2.19
CA PHE A 405 0.43 -12.56 3.61
C PHE A 405 1.82 -12.50 4.25
N TRP A 406 2.74 -13.30 3.72
CA TRP A 406 4.07 -13.41 4.33
C TRP A 406 4.85 -12.10 4.29
N ALA A 407 4.85 -11.44 3.14
CA ALA A 407 5.60 -10.19 3.00
C ALA A 407 4.75 -8.97 3.34
N GLY A 408 3.57 -8.88 2.73
CA GLY A 408 2.76 -7.67 2.80
C GLY A 408 1.77 -7.62 3.95
N THR A 409 1.85 -8.59 4.86
CA THR A 409 0.96 -8.60 6.01
C THR A 409 1.69 -8.91 7.31
N ILE A 410 2.13 -10.16 7.45
CA ILE A 410 2.89 -10.58 8.63
C ILE A 410 4.29 -9.95 8.64
N GLY A 411 4.93 -9.94 7.48
CA GLY A 411 6.27 -9.41 7.36
C GLY A 411 6.39 -7.94 7.74
N VAL A 412 5.48 -7.12 7.23
CA VAL A 412 5.54 -5.68 7.48
C VAL A 412 5.33 -5.32 8.95
N VAL A 413 4.42 -6.01 9.63
CA VAL A 413 4.18 -5.73 11.04
C VAL A 413 5.38 -6.17 11.87
N PHE A 414 5.93 -7.34 11.54
CA PHE A 414 7.15 -7.81 12.20
C PHE A 414 8.31 -6.84 11.98
N PHE A 415 8.45 -6.36 10.76
CA PHE A 415 9.55 -5.46 10.43
C PHE A 415 9.37 -4.07 11.04
N GLY A 416 8.11 -3.64 11.14
CA GLY A 416 7.80 -2.38 11.78
C GLY A 416 8.22 -2.41 13.25
N LEU A 417 7.95 -3.53 13.91
CA LEU A 417 8.33 -3.72 15.30
C LEU A 417 9.85 -3.79 15.43
N THR A 418 10.49 -4.46 14.48
CA THR A 418 11.95 -4.56 14.44
C THR A 418 12.58 -3.17 14.30
N GLU A 419 11.98 -2.33 13.47
CA GLU A 419 12.45 -0.95 13.28
C GLU A 419 12.44 -0.18 14.59
N LEU A 420 11.33 -0.25 15.30
CA LEU A 420 11.18 0.39 16.60
C LEU A 420 12.29 0.01 17.57
N ILE A 421 12.51 -1.30 17.70
CA ILE A 421 13.48 -1.83 18.66
C ILE A 421 14.91 -1.44 18.28
N ILE A 422 15.28 -1.63 17.02
CA ILE A 422 16.64 -1.36 16.59
C ILE A 422 16.97 0.14 16.67
N PHE A 423 15.98 0.98 16.41
CA PHE A 423 16.20 2.43 16.40
C PHE A 423 16.06 3.04 17.78
N PHE A 424 15.03 2.66 18.53
CA PHE A 424 14.74 3.31 19.82
C PHE A 424 15.26 2.57 21.05
N TRP A 425 15.68 1.32 20.88
CA TRP A 425 16.21 0.56 22.01
C TRP A 425 17.69 0.22 21.86
N ILE A 426 18.08 -0.25 20.68
CA ILE A 426 19.47 -0.64 20.44
C ILE A 426 20.35 0.55 20.08
N PHE A 427 19.96 1.26 19.03
CA PHE A 427 20.66 2.46 18.58
C PHE A 427 20.74 3.49 19.71
N GLY A 428 19.68 3.57 20.50
CA GLY A 428 19.62 4.49 21.62
C GLY A 428 18.43 5.44 21.50
N ALA A 429 17.61 5.49 22.54
CA ALA A 429 16.41 6.33 22.55
C ALA A 429 16.76 7.81 22.42
N ASP A 430 17.78 8.25 23.17
CA ASP A 430 18.19 9.65 23.13
C ASP A 430 18.72 10.05 21.75
N LYS A 431 19.54 9.19 21.16
CA LYS A 431 20.08 9.45 19.83
C LYS A 431 18.96 9.49 18.81
N ALA A 432 18.06 8.50 18.89
CA ALA A 432 16.93 8.41 17.98
C ALA A 432 16.11 9.68 18.03
N TRP A 433 15.81 10.14 19.24
CA TRP A 433 15.01 11.33 19.45
C TRP A 433 15.64 12.55 18.79
N GLU A 434 16.96 12.68 18.91
CA GLU A 434 17.69 13.79 18.32
C GLU A 434 17.75 13.67 16.81
N GLU A 435 17.78 12.44 16.32
CA GLU A 435 17.81 12.19 14.89
C GLU A 435 16.47 12.57 14.26
N ILE A 436 15.39 12.36 15.01
CA ILE A 436 14.05 12.73 14.55
C ILE A 436 13.86 14.25 14.49
N ASN A 437 14.24 14.93 15.57
CA ASN A 437 13.93 16.36 15.70
C ASN A 437 14.89 17.33 15.01
N ARG A 438 16.09 16.85 14.67
CA ARG A 438 17.08 17.70 14.04
C ARG A 438 16.56 18.32 12.74
N GLY A 439 16.61 19.65 12.66
CA GLY A 439 16.14 20.37 11.49
C GLY A 439 14.64 20.53 11.42
N GLY A 440 13.94 20.04 12.43
CA GLY A 440 12.48 20.10 12.44
C GLY A 440 11.92 21.50 12.47
N ILE A 441 10.96 21.79 11.60
CA ILE A 441 10.28 23.07 11.60
C ILE A 441 9.45 23.20 12.86
N ILE A 442 8.83 22.09 13.25
CA ILE A 442 8.24 21.96 14.57
C ILE A 442 8.96 20.82 15.29
N LYS A 443 8.85 20.77 16.61
CA LYS A 443 9.50 19.71 17.36
C LYS A 443 8.46 18.68 17.78
N VAL A 444 8.87 17.42 17.80
CA VAL A 444 7.99 16.37 18.29
C VAL A 444 7.77 16.60 19.77
N PRO A 445 6.49 16.64 20.19
CA PRO A 445 6.13 16.80 21.61
C PRO A 445 6.85 15.78 22.48
N ARG A 446 7.33 16.24 23.63
CA ARG A 446 8.14 15.44 24.54
C ARG A 446 7.47 14.13 24.93
N ILE A 447 6.13 14.15 25.00
CA ILE A 447 5.35 12.99 25.40
C ILE A 447 5.55 11.79 24.48
N TYR A 448 5.87 12.05 23.22
CA TYR A 448 6.03 10.99 22.23
C TYR A 448 7.27 10.13 22.48
N TYR A 449 8.18 10.62 23.32
CA TYR A 449 9.36 9.85 23.68
C TYR A 449 8.96 8.57 24.42
N TYR A 450 7.97 8.70 25.31
CA TYR A 450 7.48 7.55 26.05
C TYR A 450 6.64 6.65 25.14
N VAL A 451 5.85 7.28 24.28
CA VAL A 451 5.02 6.56 23.31
C VAL A 451 5.86 5.67 22.42
N MET A 452 6.91 6.23 21.83
CA MET A 452 7.78 5.52 20.91
C MET A 452 8.55 4.40 21.59
N ARG A 453 8.88 4.60 22.86
CA ARG A 453 9.71 3.65 23.59
C ARG A 453 8.92 2.49 24.17
N TYR A 454 7.68 2.74 24.58
CA TYR A 454 6.89 1.73 25.29
C TYR A 454 5.55 1.41 24.62
N ILE A 455 4.75 2.43 24.36
CA ILE A 455 3.39 2.25 23.87
C ILE A 455 3.34 1.70 22.44
N THR A 456 4.05 2.38 21.54
CA THR A 456 4.09 1.98 20.13
C THR A 456 4.54 0.53 19.88
N PRO A 457 5.68 0.11 20.47
CA PRO A 457 6.06 -1.29 20.24
C PRO A 457 5.08 -2.28 20.87
N ALA A 458 4.35 -1.86 21.90
CA ALA A 458 3.36 -2.71 22.54
C ALA A 458 2.17 -2.97 21.62
N PHE A 459 1.75 -1.94 20.90
CA PHE A 459 0.62 -2.07 19.98
C PHE A 459 0.96 -3.00 18.82
N LEU A 460 2.17 -2.85 18.29
CA LEU A 460 2.61 -3.70 17.19
C LEU A 460 2.83 -5.14 17.63
N ALA A 461 3.28 -5.31 18.88
CA ALA A 461 3.50 -6.64 19.43
C ALA A 461 2.18 -7.39 19.57
N VAL A 462 1.15 -6.67 20.01
CA VAL A 462 -0.18 -7.24 20.17
C VAL A 462 -0.79 -7.55 18.81
N LEU A 463 -0.60 -6.66 17.85
CA LEU A 463 -1.08 -6.86 16.49
C LEU A 463 -0.42 -8.08 15.85
N LEU A 464 0.89 -8.20 16.03
CA LEU A 464 1.65 -9.30 15.46
C LEU A 464 1.22 -10.65 16.02
N VAL A 465 1.15 -10.74 17.34
CA VAL A 465 0.80 -12.00 17.99
C VAL A 465 -0.62 -12.45 17.67
N VAL A 466 -1.56 -11.53 17.73
CA VAL A 466 -2.96 -11.84 17.46
C VAL A 466 -3.18 -12.33 16.02
N TRP A 467 -2.57 -11.63 15.07
CA TRP A 467 -2.68 -12.02 13.66
C TRP A 467 -1.94 -13.33 13.37
N ALA A 468 -0.80 -13.52 14.03
CA ALA A 468 -0.04 -14.75 13.88
C ALA A 468 -0.86 -15.95 14.37
N ARG A 469 -1.36 -15.86 15.60
CA ARG A 469 -2.13 -16.95 16.19
C ARG A 469 -3.42 -17.23 15.44
N GLU A 470 -3.98 -16.19 14.83
CA GLU A 470 -5.27 -16.30 14.15
C GLU A 470 -5.16 -16.81 12.71
N TYR A 471 -4.12 -16.37 11.99
CA TYR A 471 -4.04 -16.64 10.56
C TYR A 471 -3.01 -17.71 10.15
N ILE A 472 -1.88 -17.75 10.83
CA ILE A 472 -0.82 -18.70 10.47
C ILE A 472 -1.23 -20.18 10.47
N PRO A 473 -1.89 -20.67 11.55
CA PRO A 473 -2.29 -22.07 11.53
C PRO A 473 -3.19 -22.42 10.34
N LYS A 474 -4.11 -21.52 10.00
CA LYS A 474 -4.99 -21.72 8.86
C LYS A 474 -4.17 -21.75 7.58
N ILE A 475 -3.24 -20.80 7.44
CA ILE A 475 -2.39 -20.68 6.27
C ILE A 475 -1.51 -21.92 6.08
N MET A 476 -1.08 -22.50 7.19
CA MET A 476 -0.17 -23.64 7.15
C MET A 476 -0.88 -24.99 7.02
N GLU A 477 -2.17 -25.03 7.36
CA GLU A 477 -2.89 -26.31 7.44
C GLU A 477 -4.12 -26.45 6.53
N GLU A 478 -4.61 -25.34 5.99
CA GLU A 478 -5.86 -25.38 5.21
C GLU A 478 -5.68 -25.01 3.74
N THR A 479 -4.45 -24.72 3.33
CA THR A 479 -4.18 -24.24 1.99
C THR A 479 -3.85 -25.37 1.01
N HIS A 480 -3.99 -25.08 -0.27
CA HIS A 480 -3.65 -26.03 -1.32
C HIS A 480 -2.14 -26.22 -1.33
N TRP A 481 -1.67 -27.39 -1.74
CA TRP A 481 -0.24 -27.68 -1.72
C TRP A 481 0.58 -26.71 -2.57
N THR A 482 -0.05 -26.08 -3.56
CA THR A 482 0.63 -25.17 -4.47
C THR A 482 1.19 -23.90 -3.82
N VAL A 483 0.76 -23.61 -2.59
CA VAL A 483 1.30 -22.45 -1.87
C VAL A 483 2.81 -22.61 -1.63
N TRP A 484 3.28 -23.85 -1.60
CA TRP A 484 4.69 -24.13 -1.39
C TRP A 484 5.57 -23.69 -2.57
N ILE A 485 4.98 -23.61 -3.76
CA ILE A 485 5.69 -23.07 -4.92
C ILE A 485 6.06 -21.62 -4.66
N THR A 486 5.10 -20.85 -4.16
CA THR A 486 5.29 -19.45 -3.85
C THR A 486 6.23 -19.26 -2.66
N ARG A 487 6.03 -20.06 -1.62
CA ARG A 487 6.92 -20.03 -0.46
C ARG A 487 8.36 -20.35 -0.84
N PHE A 488 8.54 -21.39 -1.66
CA PHE A 488 9.85 -21.78 -2.15
C PHE A 488 10.53 -20.64 -2.90
N TYR A 489 9.76 -19.98 -3.77
CA TYR A 489 10.31 -18.92 -4.60
C TYR A 489 10.71 -17.68 -3.82
N ILE A 490 9.85 -17.21 -2.91
CA ILE A 490 10.14 -16.00 -2.16
C ILE A 490 11.19 -16.23 -1.08
N ILE A 491 11.33 -17.46 -0.61
CA ILE A 491 12.43 -17.79 0.28
C ILE A 491 13.73 -17.72 -0.53
N GLY A 492 13.66 -18.19 -1.77
CA GLY A 492 14.77 -18.07 -2.71
C GLY A 492 15.17 -16.64 -2.95
N LEU A 493 14.18 -15.75 -3.07
CA LEU A 493 14.47 -14.33 -3.25
C LEU A 493 15.19 -13.76 -2.03
N PHE A 494 14.83 -14.24 -0.84
CA PHE A 494 15.51 -13.81 0.37
C PHE A 494 16.97 -14.24 0.35
N LEU A 495 17.21 -15.48 -0.08
CA LEU A 495 18.57 -16.01 -0.17
C LEU A 495 19.35 -15.25 -1.23
N PHE A 496 18.66 -14.85 -2.29
CA PHE A 496 19.24 -14.06 -3.37
C PHE A 496 19.73 -12.70 -2.88
N LEU A 497 18.90 -12.01 -2.08
CA LEU A 497 19.26 -10.69 -1.57
C LEU A 497 20.37 -10.80 -0.53
N THR A 498 20.33 -11.87 0.25
CA THR A 498 21.38 -12.14 1.23
C THR A 498 22.71 -12.28 0.49
N PHE A 499 22.69 -12.90 -0.68
CA PHE A 499 23.89 -13.07 -1.48
C PHE A 499 24.36 -11.74 -2.06
N LEU A 500 23.42 -10.88 -2.47
CA LEU A 500 23.79 -9.57 -2.98
C LEU A 500 24.42 -8.69 -1.89
N VAL A 501 23.91 -8.81 -0.68
CA VAL A 501 24.47 -8.09 0.46
C VAL A 501 25.88 -8.60 0.73
N PHE A 502 26.05 -9.92 0.59
CA PHE A 502 27.37 -10.53 0.74
C PHE A 502 28.35 -9.96 -0.28
N LEU A 503 27.89 -9.81 -1.51
CA LEU A 503 28.75 -9.29 -2.58
C LEU A 503 29.08 -7.82 -2.38
N ALA A 504 28.13 -7.08 -1.80
CA ALA A 504 28.32 -5.66 -1.55
C ALA A 504 29.40 -5.41 -0.52
N GLU A 505 29.37 -6.17 0.58
CA GLU A 505 30.35 -6.00 1.65
C GLU A 505 31.73 -6.51 1.23
N ARG A 506 31.75 -7.51 0.35
CA ARG A 506 33.03 -8.01 -0.17
C ARG A 506 33.65 -7.04 -1.16
N ARG A 507 32.79 -6.24 -1.82
CA ARG A 507 33.27 -5.22 -2.74
C ARG A 507 33.82 -4.05 -1.94
N ARG A 508 33.17 -3.77 -0.82
CA ARG A 508 33.56 -2.65 0.04
C ARG A 508 34.91 -2.93 0.70
N ASN A 509 35.12 -4.17 1.12
CA ASN A 509 36.39 -4.58 1.70
C ASN A 509 37.52 -4.50 0.70
N HIS A 510 37.20 -4.68 -0.58
CA HIS A 510 38.19 -4.61 -1.64
C HIS A 510 38.55 -3.16 -1.97
N GLU A 511 37.55 -2.29 -1.96
CA GLU A 511 37.78 -0.87 -2.22
C GLU A 511 38.09 -0.12 -0.93
#